data_8OIV
#
_entry.id   8OIV
#
_cell.length_a   52.770
_cell.length_b   84.890
_cell.length_c   155.390
_cell.angle_alpha   90.00
_cell.angle_beta   90.00
_cell.angle_gamma   90.00
#
_symmetry.space_group_name_H-M   'P 21 21 21'
#
loop_
_entity.id
_entity.type
_entity.pdbx_description
1 polymer "Cap-specific mRNA (nucleoside-2'-O-)-methyltransferase"
2 polymer mGpppGAAAAA
3 non-polymer S-ADENOSYL-L-HOMOCYSTEINE
4 non-polymer "7-METHYL-GUANOSINE-5'-TRIPHOSPHATE-5'-GUANOSINE"
5 water water
#
loop_
_entity_poly.entity_id
_entity_poly.type
_entity_poly.pdbx_seq_one_letter_code
_entity_poly.pdbx_strand_id
1 'polypeptide(L)'
;MDVVSLDKPFMYFEEIDNELDYEPESANEVAKKLPYQGQLKLLLGELFFLSKLQRHGILDGATVVYIGSAPGTHIRYLRD
HFYNLGVIIKWMLIDGRHHDPILNGLRDVTLVTRFVDEEYLRSIKKQLHPSKIILISDVRSKRGGNEPSTADLLSNYALQ
NVMISILNPVASSLKWRCPFPDQWIKDFYIPHGNKMLQPFAPSYSAEMRLLSIYTGENMRLTRVTKSDAVNYEKKMYYLN
KIVRNKVVINFDYPNQEYDYFHMYFMLRTVYCNKTFPTTKAKILFLQQSIFRFLNIPTTSTEKVSHE
;
A,B
2 'polyribonucleotide' (GTG)AAAAA D
#
loop_
_chem_comp.id
_chem_comp.type
_chem_comp.name
_chem_comp.formula
A RNA linking ADENOSINE-5'-MONOPHOSPHATE 'C10 H14 N5 O7 P'
GTG non-polymer 7-METHYL-GUANOSINE-5'-TRIPHOSPHATE-5'-GUANOSINE 'C21 H30 N10 O18 P3 1'
SAH non-polymer S-ADENOSYL-L-HOMOCYSTEINE 'C14 H20 N6 O5 S'
#
# COMPACT_ATOMS: atom_id res chain seq x y z
N MET A 1 19.16 1.55 -18.56
CA MET A 1 17.85 1.84 -17.98
C MET A 1 16.73 1.27 -18.85
N ASP A 2 15.68 0.78 -18.20
CA ASP A 2 14.53 0.22 -18.89
C ASP A 2 13.64 1.34 -19.41
N VAL A 3 12.96 1.07 -20.53
CA VAL A 3 12.07 2.04 -21.15
C VAL A 3 10.65 1.77 -20.67
N VAL A 4 9.82 2.81 -20.77
CA VAL A 4 8.44 2.75 -20.30
C VAL A 4 7.67 3.94 -20.88
N SER A 5 6.38 3.76 -21.11
CA SER A 5 5.48 4.86 -21.44
C SER A 5 4.67 5.21 -20.20
N LEU A 6 4.58 6.50 -19.90
CA LEU A 6 3.85 6.97 -18.73
C LEU A 6 3.05 8.22 -19.09
N ASP A 7 1.81 8.26 -18.59
CA ASP A 7 1.01 9.48 -18.67
C ASP A 7 1.37 10.48 -17.59
N LYS A 8 1.89 10.01 -16.45
CA LYS A 8 2.22 10.86 -15.32
C LYS A 8 3.13 10.10 -14.35
N PRO A 9 3.91 10.80 -13.55
CA PRO A 9 4.70 10.14 -12.50
C PRO A 9 3.90 9.97 -11.22
N PHE A 10 4.49 9.26 -10.27
CA PHE A 10 3.93 9.17 -8.93
C PHE A 10 4.24 10.46 -8.18
N MET A 11 3.20 11.19 -7.79
CA MET A 11 3.40 12.44 -7.07
C MET A 11 3.35 12.25 -5.55
N TYR A 12 2.56 11.29 -5.07
CA TYR A 12 2.38 11.07 -3.64
C TYR A 12 2.61 9.60 -3.31
N PHE A 13 2.99 9.37 -2.05
CA PHE A 13 3.43 8.03 -1.65
C PHE A 13 2.38 6.97 -1.93
N GLU A 14 1.10 7.31 -1.72
CA GLU A 14 0.04 6.32 -1.88
C GLU A 14 -0.16 5.88 -3.33
N GLU A 15 0.48 6.54 -4.29
CA GLU A 15 0.35 6.14 -5.69
C GLU A 15 1.30 5.01 -6.07
N ILE A 16 2.34 4.76 -5.26
CA ILE A 16 3.27 3.67 -5.54
C ILE A 16 2.51 2.36 -5.53
N ASP A 17 2.48 1.67 -6.67
CA ASP A 17 1.60 0.52 -6.87
C ASP A 17 2.32 -0.81 -6.78
N ASN A 18 3.50 -0.86 -6.17
CA ASN A 18 4.23 -2.12 -6.04
C ASN A 18 5.28 -1.97 -4.94
N GLU A 19 5.78 -3.11 -4.47
CA GLU A 19 6.78 -3.14 -3.42
C GLU A 19 7.85 -4.17 -3.76
N LEU A 20 9.02 -3.99 -3.15
CA LEU A 20 10.18 -4.83 -3.43
C LEU A 20 11.07 -4.88 -2.19
N ASP A 21 11.51 -6.09 -1.84
CA ASP A 21 12.30 -6.27 -0.61
C ASP A 21 13.59 -5.47 -0.68
N TYR A 22 13.86 -4.73 0.39
CA TYR A 22 15.04 -3.87 0.44
C TYR A 22 16.31 -4.70 0.36
N GLU A 23 17.24 -4.25 -0.49
CA GLU A 23 18.55 -4.91 -0.63
C GLU A 23 19.61 -4.02 -0.01
N PRO A 24 20.28 -4.45 1.06
CA PRO A 24 21.27 -3.58 1.72
C PRO A 24 22.44 -3.18 0.84
N GLU A 25 22.67 -3.88 -0.27
CA GLU A 25 23.73 -3.49 -1.20
C GLU A 25 23.48 -2.12 -1.81
N SER A 26 22.25 -1.62 -1.72
CA SER A 26 21.91 -0.33 -2.31
C SER A 26 22.76 0.81 -1.76
N ALA A 27 23.14 0.73 -0.48
CA ALA A 27 23.91 1.79 0.15
C ALA A 27 25.26 2.01 -0.51
N ASN A 28 25.67 1.14 -1.43
CA ASN A 28 26.96 1.29 -2.10
C ASN A 28 26.90 2.07 -3.40
N GLU A 29 25.72 2.15 -4.03
CA GLU A 29 25.58 2.97 -5.22
C GLU A 29 25.82 4.44 -4.88
N VAL A 30 26.11 5.23 -5.91
CA VAL A 30 26.27 6.67 -5.72
C VAL A 30 24.95 7.26 -5.24
N ALA A 31 25.01 8.00 -4.12
CA ALA A 31 23.79 8.53 -3.53
C ALA A 31 23.27 9.75 -4.28
N LYS A 32 24.15 10.68 -4.63
CA LYS A 32 23.77 11.89 -5.34
C LYS A 32 24.61 11.99 -6.61
N LYS A 33 23.98 11.79 -7.76
CA LYS A 33 24.71 11.80 -9.03
C LYS A 33 25.13 13.21 -9.42
N LEU A 34 24.24 14.22 -9.19
CA LEU A 34 24.45 15.60 -9.59
C LEU A 34 25.08 16.41 -8.45
N PRO A 35 25.91 17.40 -8.78
CA PRO A 35 26.42 18.31 -7.75
C PRO A 35 25.28 19.11 -7.14
N TYR A 36 25.34 19.30 -5.83
CA TYR A 36 24.35 20.07 -5.08
C TYR A 36 22.94 19.51 -5.28
N GLN A 37 22.83 18.19 -5.40
CA GLN A 37 21.55 17.55 -5.66
C GLN A 37 20.62 17.68 -4.47
N GLY A 38 21.17 17.83 -3.25
CA GLY A 38 20.32 18.06 -2.10
C GLY A 38 19.60 19.39 -2.16
N GLN A 39 20.34 20.46 -2.49
CA GLN A 39 19.71 21.77 -2.68
C GLN A 39 18.66 21.71 -3.78
N LEU A 40 18.96 20.98 -4.86
CA LEU A 40 17.98 20.82 -5.94
C LEU A 40 16.73 20.11 -5.42
N LYS A 41 16.91 19.03 -4.66
CA LYS A 41 15.78 18.29 -4.11
C LYS A 41 14.90 19.20 -3.26
N LEU A 42 15.53 20.02 -2.42
CA LEU A 42 14.77 20.92 -1.55
C LEU A 42 14.08 22.02 -2.36
N LEU A 43 14.79 22.60 -3.33
CA LEU A 43 14.23 23.70 -4.11
C LEU A 43 12.97 23.28 -4.84
N LEU A 44 12.98 22.10 -5.47
CA LEU A 44 11.81 21.64 -6.22
C LEU A 44 10.63 21.39 -5.29
N GLY A 45 10.86 20.75 -4.15
CA GLY A 45 9.75 20.45 -3.25
C GLY A 45 9.15 21.70 -2.62
N GLU A 46 10.00 22.67 -2.27
CA GLU A 46 9.52 23.88 -1.64
C GLU A 46 8.86 24.82 -2.66
N LEU A 47 9.39 24.85 -3.88
CA LEU A 47 8.73 25.57 -4.97
C LEU A 47 7.35 24.97 -5.24
N PHE A 48 7.23 23.65 -5.16
CA PHE A 48 5.96 22.97 -5.37
C PHE A 48 4.97 23.32 -4.26
N PHE A 49 5.40 23.13 -3.00
CA PHE A 49 4.56 23.42 -1.85
C PHE A 49 4.08 24.86 -1.85
N LEU A 50 5.00 25.81 -2.05
CA LEU A 50 4.64 27.22 -1.97
C LEU A 50 3.79 27.67 -3.16
N SER A 51 4.03 27.12 -4.36
CA SER A 51 3.21 27.50 -5.51
C SER A 51 1.78 27.02 -5.35
N LYS A 52 1.56 25.90 -4.67
CA LYS A 52 0.20 25.46 -4.37
C LYS A 52 -0.47 26.41 -3.39
N LEU A 53 0.28 26.94 -2.43
CA LEU A 53 -0.27 27.95 -1.52
C LEU A 53 -0.58 29.24 -2.26
N GLN A 54 0.30 29.63 -3.20
CA GLN A 54 0.00 30.77 -4.06
C GLN A 54 -1.27 30.53 -4.87
N ARG A 55 -1.45 29.29 -5.36
CA ARG A 55 -2.66 28.93 -6.08
C ARG A 55 -3.90 29.14 -5.24
N HIS A 56 -3.84 28.74 -3.96
CA HIS A 56 -4.97 28.90 -3.05
C HIS A 56 -5.07 30.29 -2.45
N GLY A 57 -4.23 31.22 -2.88
CA GLY A 57 -4.30 32.60 -2.43
C GLY A 57 -3.92 32.84 -0.98
N ILE A 58 -3.27 31.88 -0.32
CA ILE A 58 -2.90 32.05 1.09
C ILE A 58 -1.43 32.42 1.25
N LEU A 59 -0.64 32.43 0.17
CA LEU A 59 0.78 32.74 0.29
C LEU A 59 1.02 34.24 0.45
N ASP A 60 0.30 35.06 -0.31
CA ASP A 60 0.49 36.50 -0.26
C ASP A 60 0.16 37.04 1.13
N GLY A 61 1.10 37.81 1.70
CA GLY A 61 0.96 38.36 3.02
C GLY A 61 1.43 37.47 4.16
N ALA A 62 2.03 36.32 3.85
CA ALA A 62 2.42 35.38 4.88
C ALA A 62 3.88 35.56 5.26
N THR A 63 4.23 34.99 6.41
CA THR A 63 5.61 34.87 6.85
C THR A 63 6.00 33.40 6.83
N VAL A 64 7.02 33.07 6.07
CA VAL A 64 7.54 31.71 6.01
C VAL A 64 8.58 31.53 7.10
N VAL A 65 8.26 30.69 8.08
CA VAL A 65 9.19 30.34 9.15
C VAL A 65 9.84 29.01 8.76
N TYR A 66 11.13 29.06 8.46
CA TYR A 66 11.90 27.90 7.97
C TYR A 66 12.89 27.51 9.06
N ILE A 67 12.64 26.38 9.70
CA ILE A 67 13.47 25.88 10.80
C ILE A 67 14.32 24.73 10.28
N GLY A 68 15.61 24.76 10.60
CA GLY A 68 16.56 23.85 9.98
C GLY A 68 16.96 24.29 8.59
N SER A 69 17.21 25.58 8.41
CA SER A 69 17.37 26.17 7.10
C SER A 69 18.82 26.24 6.63
N ALA A 70 19.79 25.83 7.46
CA ALA A 70 21.15 26.09 7.03
C ALA A 70 21.76 24.87 6.35
N PRO A 71 22.65 25.06 5.35
CA PRO A 71 23.14 26.33 4.79
C PRO A 71 22.08 27.08 3.98
N GLY A 72 21.16 26.38 3.33
CA GLY A 72 20.03 27.02 2.68
C GLY A 72 20.36 27.78 1.42
N THR A 73 21.33 27.28 0.63
CA THR A 73 21.71 27.96 -0.60
C THR A 73 20.52 28.15 -1.53
N HIS A 74 19.68 27.12 -1.66
CA HIS A 74 18.55 27.17 -2.57
C HIS A 74 17.48 28.19 -2.15
N ILE A 75 17.45 28.56 -0.87
CA ILE A 75 16.40 29.47 -0.39
C ILE A 75 16.50 30.82 -1.06
N ARG A 76 17.70 31.21 -1.49
CA ARG A 76 17.86 32.47 -2.22
C ARG A 76 17.09 32.45 -3.53
N TYR A 77 17.15 31.32 -4.26
CA TYR A 77 16.36 31.21 -5.48
C TYR A 77 14.87 31.22 -5.17
N LEU A 78 14.45 30.51 -4.12
CA LEU A 78 13.04 30.51 -3.73
C LEU A 78 12.55 31.92 -3.44
N ARG A 79 13.34 32.70 -2.70
CA ARG A 79 12.94 34.05 -2.32
C ARG A 79 12.90 34.96 -3.55
N ASP A 80 13.95 34.92 -4.37
CA ASP A 80 13.97 35.75 -5.58
C ASP A 80 12.79 35.44 -6.48
N HIS A 81 12.40 34.16 -6.54
CA HIS A 81 11.29 33.76 -7.41
C HIS A 81 10.00 34.48 -7.05
N PHE A 82 9.61 34.42 -5.78
CA PHE A 82 8.35 35.02 -5.39
C PHE A 82 8.45 36.54 -5.30
N TYR A 83 9.63 37.07 -4.97
CA TYR A 83 9.82 38.52 -5.01
C TYR A 83 9.61 39.06 -6.42
N ASN A 84 10.17 38.37 -7.43
CA ASN A 84 9.99 38.81 -8.80
C ASN A 84 8.55 38.68 -9.27
N LEU A 85 7.77 37.79 -8.66
CA LEU A 85 6.34 37.71 -8.96
C LEU A 85 5.52 38.77 -8.26
N GLY A 86 6.13 39.56 -7.38
CA GLY A 86 5.38 40.55 -6.63
C GLY A 86 4.59 39.99 -5.47
N VAL A 87 4.86 38.75 -5.06
CA VAL A 87 4.24 38.20 -3.87
C VAL A 87 4.95 38.74 -2.64
N ILE A 88 4.19 39.16 -1.65
CA ILE A 88 4.73 39.83 -0.47
C ILE A 88 4.94 38.78 0.60
N ILE A 89 6.20 38.37 0.78
CA ILE A 89 6.59 37.34 1.73
C ILE A 89 7.70 37.89 2.62
N LYS A 90 7.64 37.58 3.91
CA LYS A 90 8.76 37.77 4.83
C LYS A 90 9.32 36.41 5.21
N TRP A 91 10.65 36.32 5.28
CA TRP A 91 11.34 35.06 5.52
C TRP A 91 12.05 35.11 6.87
N MET A 92 11.89 34.05 7.65
CA MET A 92 12.58 33.89 8.94
C MET A 92 13.25 32.53 8.93
N LEU A 93 14.57 32.51 8.78
CA LEU A 93 15.34 31.28 8.65
C LEU A 93 16.11 31.06 9.95
N ILE A 94 15.86 29.91 10.60
CA ILE A 94 16.38 29.64 11.94
C ILE A 94 17.12 28.30 11.92
N ASP A 95 18.39 28.32 12.32
CA ASP A 95 19.20 27.12 12.37
C ASP A 95 20.38 27.38 13.30
N GLY A 96 20.82 26.33 14.01
CA GLY A 96 21.99 26.48 14.86
C GLY A 96 23.26 26.71 14.07
N ARG A 97 23.32 26.20 12.84
CA ARG A 97 24.46 26.39 11.97
C ARG A 97 24.32 27.68 11.17
N HIS A 98 25.45 28.16 10.67
CA HIS A 98 25.46 29.39 9.87
C HIS A 98 24.82 29.15 8.51
N HIS A 99 24.21 30.19 7.98
CA HIS A 99 23.58 30.12 6.67
C HIS A 99 24.57 30.47 5.57
N ASP A 100 24.22 30.04 4.36
CA ASP A 100 25.02 30.38 3.18
C ASP A 100 25.08 31.90 3.02
N PRO A 101 26.27 32.48 2.83
CA PRO A 101 26.35 33.95 2.71
C PRO A 101 25.59 34.54 1.54
N ILE A 102 25.17 33.73 0.55
CA ILE A 102 24.39 34.26 -0.55
C ILE A 102 23.03 34.77 -0.09
N LEU A 103 22.65 34.48 1.16
CA LEU A 103 21.41 34.98 1.74
C LEU A 103 21.57 36.32 2.44
N ASN A 104 22.74 36.94 2.36
CA ASN A 104 22.97 38.20 3.05
C ASN A 104 22.37 39.37 2.27
N GLY A 105 22.12 40.45 3.01
CA GLY A 105 21.72 41.70 2.39
C GLY A 105 20.32 41.72 1.81
N LEU A 106 19.42 40.89 2.34
CA LEU A 106 18.04 40.83 1.87
C LEU A 106 17.12 41.32 2.98
N ARG A 107 16.41 42.43 2.70
CA ARG A 107 15.60 43.07 3.73
C ARG A 107 14.50 42.15 4.25
N ASP A 108 13.89 41.37 3.37
CA ASP A 108 12.77 40.51 3.71
C ASP A 108 13.19 39.15 4.25
N VAL A 109 14.48 38.95 4.52
CA VAL A 109 14.99 37.67 5.00
C VAL A 109 15.72 37.92 6.32
N THR A 110 15.19 37.38 7.40
CA THR A 110 15.81 37.47 8.71
C THR A 110 16.53 36.16 9.01
N LEU A 111 17.84 36.24 9.26
CA LEU A 111 18.66 35.09 9.59
C LEU A 111 18.83 35.01 11.09
N VAL A 112 18.56 33.84 11.66
CA VAL A 112 18.64 33.61 13.10
C VAL A 112 19.50 32.38 13.35
N THR A 113 20.50 32.52 14.22
CA THR A 113 21.40 31.44 14.57
C THR A 113 21.02 30.93 15.96
N ARG A 114 20.31 29.80 15.99
CA ARG A 114 19.75 29.27 17.22
C ARG A 114 19.07 27.94 16.92
N PHE A 115 19.24 26.98 17.82
CA PHE A 115 18.46 25.76 17.81
C PHE A 115 17.16 26.03 18.55
N VAL A 116 16.04 25.76 17.90
CA VAL A 116 14.74 26.12 18.47
C VAL A 116 14.34 25.09 19.51
N ASP A 117 13.72 25.57 20.58
CA ASP A 117 13.04 24.73 21.55
C ASP A 117 11.67 25.32 21.82
N GLU A 118 10.94 24.67 22.73
CA GLU A 118 9.57 25.07 23.02
C GLU A 118 9.48 26.53 23.46
N GLU A 119 10.38 26.94 24.36
CA GLU A 119 10.36 28.32 24.85
C GLU A 119 10.55 29.32 23.71
N TYR A 120 11.49 29.03 22.80
CA TYR A 120 11.76 29.97 21.71
C TYR A 120 10.61 30.01 20.72
N LEU A 121 9.95 28.87 20.50
CA LEU A 121 8.81 28.86 19.58
C LEU A 121 7.68 29.74 20.10
N ARG A 122 7.48 29.77 21.42
CA ARG A 122 6.43 30.60 21.98
C ARG A 122 6.74 32.08 21.80
N SER A 123 8.02 32.46 21.88
CA SER A 123 8.38 33.88 21.75
C SER A 123 8.20 34.36 20.31
N ILE A 124 8.56 33.53 19.33
CA ILE A 124 8.41 33.97 17.95
C ILE A 124 6.94 33.94 17.53
N LYS A 125 6.14 33.07 18.13
CA LYS A 125 4.70 33.10 17.87
C LYS A 125 4.10 34.42 18.35
N LYS A 126 4.37 34.79 19.61
CA LYS A 126 3.90 36.08 20.13
C LYS A 126 4.39 37.25 19.28
N GLN A 127 5.59 37.14 18.73
CA GLN A 127 6.15 38.21 17.93
C GLN A 127 5.45 38.32 16.57
N LEU A 128 5.10 37.19 15.96
CA LEU A 128 4.52 37.18 14.63
C LEU A 128 3.00 37.28 14.63
N HIS A 129 2.35 36.86 15.72
CA HIS A 129 0.89 36.90 15.80
C HIS A 129 0.40 38.34 15.69
N PRO A 130 -0.73 38.60 15.01
CA PRO A 130 -1.65 37.64 14.37
C PRO A 130 -1.41 37.42 12.87
N SER A 131 -0.17 37.48 12.39
CA SER A 131 0.09 37.27 10.97
C SER A 131 0.12 35.79 10.64
N LYS A 132 -0.20 35.48 9.38
CA LYS A 132 -0.18 34.11 8.89
C LYS A 132 1.25 33.57 8.90
N ILE A 133 1.42 32.39 9.48
CA ILE A 133 2.71 31.70 9.50
C ILE A 133 2.61 30.48 8.58
N ILE A 134 3.58 30.34 7.68
CA ILE A 134 3.77 29.12 6.91
C ILE A 134 5.05 28.47 7.41
N LEU A 135 4.96 27.21 7.82
CA LEU A 135 6.09 26.51 8.43
C LEU A 135 6.75 25.59 7.42
N ILE A 136 8.07 25.69 7.32
CA ILE A 136 8.90 24.71 6.61
C ILE A 136 9.92 24.18 7.59
N SER A 137 9.90 22.87 7.82
CA SER A 137 10.83 22.23 8.75
C SER A 137 11.68 21.23 7.98
N ASP A 138 13.00 21.37 8.09
CA ASP A 138 13.95 20.40 7.57
C ASP A 138 14.98 20.04 8.62
N VAL A 139 14.57 20.04 9.90
CA VAL A 139 15.52 19.79 10.98
C VAL A 139 15.93 18.33 10.97
N ARG A 140 17.20 18.09 11.30
CA ARG A 140 17.71 16.74 11.49
C ARG A 140 18.88 16.80 12.46
N SER A 141 18.79 16.03 13.54
CA SER A 141 19.84 15.91 14.53
C SER A 141 20.51 14.56 14.42
N LYS A 142 21.76 14.49 14.88
CA LYS A 142 22.53 13.26 14.87
C LYS A 142 23.42 13.22 16.09
N ARG A 143 23.52 12.03 16.70
CA ARG A 143 24.37 11.81 17.87
C ARG A 143 25.44 10.80 17.47
N GLY A 144 26.58 11.30 17.00
CA GLY A 144 27.66 10.42 16.60
C GLY A 144 27.32 9.59 15.36
N GLY A 145 27.82 8.37 15.35
CA GLY A 145 27.64 7.41 14.27
C GLY A 145 27.92 8.03 12.92
N ASN A 146 27.16 7.57 11.91
CA ASN A 146 27.17 8.18 10.60
C ASN A 146 25.77 8.48 10.08
N GLU A 147 24.74 7.95 10.72
CA GLU A 147 23.34 8.18 10.37
C GLU A 147 22.57 8.51 11.63
N PRO A 148 21.41 9.14 11.50
CA PRO A 148 20.59 9.43 12.70
C PRO A 148 20.00 8.15 13.28
N SER A 149 19.99 8.08 14.60
CA SER A 149 19.35 6.97 15.28
C SER A 149 17.84 7.17 15.29
N THR A 150 17.11 6.10 15.61
CA THR A 150 15.66 6.21 15.72
C THR A 150 15.27 7.15 16.84
N ALA A 151 16.04 7.20 17.93
CA ALA A 151 15.76 8.14 19.00
C ALA A 151 15.93 9.58 18.54
N ASP A 152 16.91 9.83 17.65
CA ASP A 152 17.07 11.16 17.08
C ASP A 152 15.86 11.52 16.22
N LEU A 153 15.41 10.58 15.38
CA LEU A 153 14.25 10.84 14.54
C LEU A 153 13.00 11.11 15.37
N LEU A 154 12.78 10.27 16.40
CA LEU A 154 11.61 10.44 17.25
C LEU A 154 11.63 11.79 17.97
N SER A 155 12.81 12.24 18.38
CA SER A 155 12.92 13.56 18.99
C SER A 155 12.70 14.66 17.96
N ASN A 156 13.20 14.47 16.74
CA ASN A 156 12.95 15.46 15.69
C ASN A 156 11.46 15.55 15.36
N TYR A 157 10.79 14.40 15.25
CA TYR A 157 9.37 14.41 14.89
C TYR A 157 8.50 14.91 16.04
N ALA A 158 8.90 14.64 17.28
CA ALA A 158 8.21 15.24 18.41
C ALA A 158 8.33 16.76 18.36
N LEU A 159 9.52 17.26 18.03
CA LEU A 159 9.71 18.71 17.94
C LEU A 159 8.87 19.30 16.82
N GLN A 160 8.73 18.58 15.70
CA GLN A 160 7.93 19.10 14.60
C GLN A 160 6.45 19.18 14.99
N ASN A 161 5.98 18.26 15.83
CA ASN A 161 4.63 18.40 16.39
C ASN A 161 4.55 19.65 17.27
N VAL A 162 5.59 19.91 18.06
CA VAL A 162 5.60 21.09 18.92
C VAL A 162 5.56 22.36 18.09
N MET A 163 6.31 22.38 16.97
CA MET A 163 6.24 23.50 16.05
C MET A 163 4.80 23.79 15.64
N ILE A 164 4.05 22.75 15.32
CA ILE A 164 2.70 22.94 14.78
C ILE A 164 1.74 23.42 15.88
N SER A 165 1.83 22.83 17.07
CA SER A 165 0.89 23.19 18.13
C SER A 165 1.18 24.56 18.72
N ILE A 166 2.37 25.10 18.53
CA ILE A 166 2.71 26.43 19.04
C ILE A 166 2.62 27.49 17.94
N LEU A 167 3.32 27.27 16.82
CA LEU A 167 3.28 28.24 15.73
C LEU A 167 1.92 28.30 15.06
N ASN A 168 1.11 27.23 15.16
CA ASN A 168 -0.21 27.12 14.54
C ASN A 168 -0.20 27.68 13.10
N PRO A 169 0.61 27.09 12.22
CA PRO A 169 0.74 27.65 10.87
C PRO A 169 -0.51 27.38 10.05
N VAL A 170 -0.73 28.23 9.05
CA VAL A 170 -1.81 27.98 8.11
C VAL A 170 -1.48 26.81 7.20
N ALA A 171 -0.19 26.50 7.04
CA ALA A 171 0.24 25.37 6.24
C ALA A 171 1.66 24.99 6.65
N SER A 172 2.03 23.75 6.38
CA SER A 172 3.35 23.27 6.80
C SER A 172 3.87 22.21 5.83
N SER A 173 5.19 22.22 5.66
CA SER A 173 5.94 21.19 4.95
C SER A 173 6.94 20.59 5.94
N LEU A 174 6.79 19.30 6.22
CA LEU A 174 7.58 18.64 7.25
C LEU A 174 8.42 17.53 6.63
N LYS A 175 9.70 17.50 6.98
CA LYS A 175 10.56 16.36 6.71
C LYS A 175 9.94 15.09 7.30
N TRP A 176 9.86 14.04 6.49
CA TRP A 176 9.23 12.80 6.92
C TRP A 176 9.98 11.60 6.34
N ARG A 177 10.66 10.85 7.20
CA ARG A 177 11.29 9.58 6.82
C ARG A 177 11.08 8.62 7.98
N CYS A 178 10.26 7.59 7.76
CA CYS A 178 9.91 6.67 8.82
C CYS A 178 11.15 5.93 9.30
N PRO A 179 11.26 5.64 10.60
CA PRO A 179 12.31 4.74 11.07
C PRO A 179 12.22 3.40 10.36
N PHE A 180 13.39 2.83 10.04
CA PHE A 180 13.43 1.56 9.36
C PHE A 180 12.95 0.45 10.28
N PRO A 181 12.30 -0.59 9.73
CA PRO A 181 11.66 -1.60 10.60
C PRO A 181 12.63 -2.31 11.53
N ASP A 182 13.88 -2.50 11.11
CA ASP A 182 14.85 -3.20 11.95
C ASP A 182 15.37 -2.33 13.10
N GLN A 183 15.04 -1.04 13.12
CA GLN A 183 15.48 -0.14 14.19
C GLN A 183 14.29 0.43 14.97
N TRP A 184 13.15 -0.25 14.93
CA TRP A 184 11.95 0.25 15.58
C TRP A 184 12.16 0.35 17.08
N ILE A 185 11.42 1.26 17.71
CA ILE A 185 11.47 1.45 19.16
C ILE A 185 10.05 1.47 19.70
N LYS A 186 9.29 2.52 19.36
CA LYS A 186 7.91 2.65 19.79
C LYS A 186 7.10 3.32 18.70
N ASP A 187 5.78 3.09 18.74
CA ASP A 187 4.88 3.84 17.87
C ASP A 187 4.94 5.31 18.24
N PHE A 188 4.66 6.16 17.25
CA PHE A 188 4.66 7.60 17.46
C PHE A 188 3.61 8.23 16.55
N TYR A 189 3.43 9.54 16.68
CA TYR A 189 2.36 10.25 16.01
C TYR A 189 2.91 11.37 15.15
N ILE A 190 2.30 11.55 13.98
CA ILE A 190 2.62 12.65 13.06
C ILE A 190 1.33 13.26 12.55
N PRO A 191 1.39 14.47 12.01
CA PRO A 191 0.18 15.13 11.53
C PRO A 191 -0.40 14.45 10.29
N HIS A 192 -1.66 14.77 10.02
CA HIS A 192 -2.27 14.43 8.75
C HIS A 192 -1.72 15.33 7.66
N GLY A 193 -1.64 14.79 6.45
CA GLY A 193 -1.15 15.56 5.32
C GLY A 193 -0.85 14.67 4.15
N ASN A 194 -0.52 15.30 3.04
CA ASN A 194 -0.17 14.59 1.81
C ASN A 194 1.33 14.34 1.79
N LYS A 195 1.72 13.18 1.26
CA LYS A 195 3.10 12.69 1.32
C LYS A 195 3.74 12.88 -0.05
N MET A 196 4.33 14.06 -0.25
CA MET A 196 4.87 14.46 -1.54
C MET A 196 6.22 13.75 -1.78
N LEU A 197 6.32 13.05 -2.91
CA LEU A 197 7.57 12.39 -3.28
C LEU A 197 8.55 13.39 -3.87
N GLN A 198 9.84 13.12 -3.70
CA GLN A 198 10.89 14.06 -4.04
C GLN A 198 11.74 13.58 -5.20
N PRO A 199 11.67 14.21 -6.38
CA PRO A 199 12.66 13.92 -7.42
C PRO A 199 14.02 14.43 -6.99
N PHE A 200 15.06 13.72 -7.47
CA PHE A 200 16.45 14.01 -7.16
C PHE A 200 16.77 13.88 -5.68
N ALA A 201 15.95 13.13 -4.94
CA ALA A 201 16.36 12.65 -3.63
C ALA A 201 17.55 11.72 -3.80
N PRO A 202 18.29 11.43 -2.73
CA PRO A 202 19.36 10.43 -2.83
C PRO A 202 18.84 9.12 -3.42
N SER A 203 19.74 8.38 -4.06
CA SER A 203 19.35 7.28 -4.93
C SER A 203 18.42 6.30 -4.23
N TYR A 204 18.66 6.03 -2.95
CA TYR A 204 17.85 5.07 -2.22
C TYR A 204 17.23 5.66 -0.95
N SER A 205 17.06 6.99 -0.92
CA SER A 205 16.42 7.63 0.21
C SER A 205 14.94 7.25 0.29
N ALA A 206 14.45 7.09 1.52
CA ALA A 206 13.04 6.88 1.78
C ALA A 206 12.36 8.13 2.32
N GLU A 207 13.00 9.29 2.17
CA GLU A 207 12.48 10.54 2.71
C GLU A 207 11.42 11.12 1.77
N MET A 208 10.37 11.67 2.36
CA MET A 208 9.37 12.43 1.63
C MET A 208 9.04 13.69 2.42
N ARG A 209 8.10 14.48 1.92
CA ARG A 209 7.69 15.73 2.55
C ARG A 209 6.20 15.65 2.88
N LEU A 210 5.87 15.92 4.15
CA LEU A 210 4.49 15.90 4.61
C LEU A 210 3.92 17.31 4.48
N LEU A 211 2.96 17.48 3.58
CA LEU A 211 2.37 18.78 3.27
C LEU A 211 0.96 18.84 3.85
N SER A 212 0.70 19.84 4.70
CA SER A 212 -0.59 19.98 5.35
C SER A 212 -1.11 21.40 5.17
N ILE A 213 -2.42 21.52 4.99
CA ILE A 213 -3.14 22.79 5.06
C ILE A 213 -4.21 22.66 6.13
N TYR A 214 -4.19 23.58 7.08
CA TYR A 214 -4.98 23.44 8.31
C TYR A 214 -6.27 24.26 8.21
N THR A 215 -7.40 23.60 8.49
CA THR A 215 -8.71 24.22 8.42
C THR A 215 -9.43 24.07 9.77
N ARG A 220 -6.06 16.33 13.54
CA ARG A 220 -5.31 15.78 14.66
C ARG A 220 -4.11 14.96 14.18
N LEU A 221 -3.67 14.01 14.99
CA LEU A 221 -2.48 13.22 14.71
C LEU A 221 -2.85 11.79 14.35
N THR A 222 -1.90 11.09 13.72
CA THR A 222 -2.09 9.72 13.29
C THR A 222 -0.93 8.86 13.74
N ARG A 223 -1.25 7.62 14.15
CA ARG A 223 -0.25 6.71 14.70
C ARG A 223 0.55 6.05 13.59
N VAL A 224 1.85 5.91 13.81
CA VAL A 224 2.75 5.23 12.88
C VAL A 224 3.28 3.98 13.58
N THR A 225 2.98 2.82 13.00
CA THR A 225 3.31 1.53 13.59
C THR A 225 4.46 0.88 12.83
N LYS A 226 4.97 -0.21 13.41
CA LYS A 226 6.07 -0.94 12.78
C LYS A 226 5.65 -1.52 11.43
N SER A 227 4.37 -1.88 11.28
CA SER A 227 3.92 -2.40 10.00
C SER A 227 3.88 -1.31 8.93
N ASP A 228 3.57 -0.07 9.33
CA ASP A 228 3.74 1.05 8.41
C ASP A 228 5.20 1.18 7.99
N ALA A 229 6.13 0.98 8.93
CA ALA A 229 7.55 1.10 8.63
C ALA A 229 7.99 0.06 7.60
N VAL A 230 7.49 -1.17 7.73
CA VAL A 230 7.78 -2.18 6.72
C VAL A 230 7.21 -1.76 5.37
N ASN A 231 6.01 -1.18 5.38
CA ASN A 231 5.39 -0.75 4.12
C ASN A 231 6.21 0.36 3.46
N TYR A 232 6.63 1.36 4.24
CA TYR A 232 7.47 2.42 3.71
C TYR A 232 8.74 1.85 3.09
N GLU A 233 9.38 0.90 3.78
CA GLU A 233 10.65 0.34 3.30
C GLU A 233 10.48 -0.33 1.93
N LYS A 234 9.46 -1.16 1.78
CA LYS A 234 9.29 -1.91 0.54
C LYS A 234 8.76 -1.04 -0.59
N LYS A 235 7.88 -0.06 -0.30
CA LYS A 235 7.37 0.81 -1.33
C LYS A 235 8.46 1.74 -1.87
N MET A 236 9.21 2.38 -0.97
CA MET A 236 10.28 3.27 -1.41
C MET A 236 11.39 2.52 -2.13
N TYR A 237 11.64 1.26 -1.74
CA TYR A 237 12.69 0.52 -2.44
C TYR A 237 12.27 0.18 -3.86
N TYR A 238 11.00 -0.17 -4.06
CA TYR A 238 10.52 -0.36 -5.43
C TYR A 238 10.63 0.92 -6.23
N LEU A 239 10.25 2.05 -5.61
CA LEU A 239 10.34 3.34 -6.28
C LEU A 239 11.77 3.67 -6.68
N ASN A 240 12.73 3.42 -5.79
CA ASN A 240 14.11 3.80 -6.04
C ASN A 240 14.82 2.82 -6.96
N LYS A 241 14.56 1.52 -6.79
CA LYS A 241 15.26 0.51 -7.58
C LYS A 241 14.69 0.43 -9.01
N ILE A 242 13.37 0.43 -9.13
CA ILE A 242 12.74 0.15 -10.42
C ILE A 242 12.28 1.44 -11.08
N VAL A 243 11.42 2.20 -10.39
CA VAL A 243 10.70 3.30 -11.03
C VAL A 243 11.66 4.40 -11.47
N ARG A 244 12.53 4.84 -10.56
CA ARG A 244 13.41 5.96 -10.84
C ARG A 244 14.56 5.62 -11.78
N ASN A 245 14.71 4.34 -12.15
CA ASN A 245 15.70 3.94 -13.14
C ASN A 245 15.07 3.69 -14.51
N LYS A 246 13.90 4.26 -14.77
CA LYS A 246 13.22 4.13 -16.05
C LYS A 246 13.50 5.35 -16.93
N VAL A 247 13.50 5.13 -18.24
CA VAL A 247 13.51 6.20 -19.23
C VAL A 247 12.10 6.27 -19.81
N VAL A 248 11.50 7.47 -19.77
CA VAL A 248 10.12 7.67 -20.19
C VAL A 248 10.15 8.02 -21.67
N ILE A 249 9.95 7.01 -22.52
CA ILE A 249 10.27 7.15 -23.94
C ILE A 249 9.24 8.00 -24.69
N ASN A 250 8.05 8.21 -24.13
CA ASN A 250 7.06 9.07 -24.77
C ASN A 250 7.18 10.53 -24.35
N PHE A 251 8.05 10.82 -23.39
CA PHE A 251 8.17 12.14 -22.79
C PHE A 251 8.97 13.06 -23.71
N ASP A 252 8.37 14.21 -24.08
CA ASP A 252 8.97 15.17 -25.00
C ASP A 252 9.81 16.15 -24.18
N TYR A 253 11.09 15.79 -23.98
CA TYR A 253 12.01 16.59 -23.19
C TYR A 253 13.44 16.17 -23.48
N PRO A 254 14.42 17.08 -23.37
CA PRO A 254 15.81 16.71 -23.68
C PRO A 254 16.34 15.56 -22.83
N ASN A 255 15.89 15.45 -21.58
CA ASN A 255 16.24 14.33 -20.71
C ASN A 255 14.97 13.58 -20.35
N GLN A 256 14.93 12.29 -20.67
CA GLN A 256 13.74 11.46 -20.49
C GLN A 256 13.80 10.57 -19.26
N GLU A 257 14.84 10.68 -18.44
CA GLU A 257 14.92 9.89 -17.22
C GLU A 257 13.78 10.27 -16.28
N TYR A 258 13.38 9.32 -15.43
CA TYR A 258 12.17 9.47 -14.64
C TYR A 258 12.21 10.72 -13.77
N ASP A 259 13.35 10.99 -13.13
CA ASP A 259 13.42 12.12 -12.22
C ASP A 259 13.23 13.46 -12.92
N TYR A 260 13.64 13.56 -14.19
CA TYR A 260 13.32 14.78 -14.95
C TYR A 260 11.85 14.82 -15.33
N PHE A 261 11.29 13.66 -15.68
CA PHE A 261 9.85 13.54 -15.91
C PHE A 261 9.06 13.95 -14.67
N HIS A 262 9.52 13.52 -13.50
CA HIS A 262 8.88 13.88 -12.24
C HIS A 262 9.05 15.37 -11.94
N MET A 263 10.27 15.89 -12.11
CA MET A 263 10.51 17.33 -11.90
C MET A 263 9.63 18.16 -12.82
N TYR A 264 9.44 17.71 -14.07
CA TYR A 264 8.65 18.44 -15.04
C TYR A 264 7.23 18.67 -14.53
N PHE A 265 6.61 17.64 -13.96
CA PHE A 265 5.23 17.76 -13.48
C PHE A 265 5.13 18.67 -12.26
N MET A 266 6.21 18.79 -11.49
CA MET A 266 6.19 19.72 -10.36
C MET A 266 6.37 21.16 -10.84
N LEU A 267 7.23 21.36 -11.85
CA LEU A 267 7.45 22.71 -12.34
C LEU A 267 6.25 23.25 -13.08
N ARG A 268 5.36 22.38 -13.55
CA ARG A 268 4.14 22.83 -14.23
CA ARG A 268 4.17 22.88 -14.24
C ARG A 268 3.27 23.70 -13.34
N THR A 269 3.36 23.50 -12.02
CA THR A 269 2.53 24.24 -11.08
C THR A 269 3.10 25.61 -10.75
N VAL A 270 4.32 25.90 -11.20
CA VAL A 270 5.01 27.13 -10.83
C VAL A 270 4.50 28.28 -11.67
N TYR A 271 4.34 29.45 -11.03
CA TYR A 271 3.94 30.67 -11.69
C TYR A 271 5.16 31.40 -12.25
N CYS A 272 4.95 32.13 -13.34
CA CYS A 272 6.05 32.85 -13.97
C CYS A 272 5.53 34.14 -14.58
N ASN A 273 6.35 35.20 -14.50
CA ASN A 273 6.00 36.48 -15.11
C ASN A 273 6.25 36.49 -16.61
N LYS A 274 7.28 35.77 -17.07
CA LYS A 274 7.56 35.68 -18.50
C LYS A 274 6.58 34.75 -19.17
N THR A 275 6.16 35.11 -20.38
CA THR A 275 5.28 34.28 -21.18
C THR A 275 6.10 33.44 -22.15
N PHE A 276 5.58 32.25 -22.45
CA PHE A 276 6.28 31.28 -23.29
C PHE A 276 5.36 30.75 -24.37
N PRO A 277 5.91 30.42 -25.55
CA PRO A 277 5.05 29.89 -26.61
C PRO A 277 4.43 28.54 -26.29
N THR A 278 5.07 27.74 -25.43
CA THR A 278 4.58 26.42 -25.06
C THR A 278 4.84 26.19 -23.58
N THR A 279 4.12 25.20 -23.03
CA THR A 279 4.38 24.78 -21.65
C THR A 279 5.78 24.20 -21.52
N LYS A 280 6.22 23.43 -22.54
CA LYS A 280 7.57 22.87 -22.51
C LYS A 280 8.62 23.96 -22.44
N ALA A 281 8.44 25.03 -23.23
CA ALA A 281 9.40 26.13 -23.21
C ALA A 281 9.46 26.78 -21.84
N LYS A 282 8.32 26.84 -21.14
CA LYS A 282 8.33 27.38 -19.78
C LYS A 282 9.12 26.50 -18.84
N ILE A 283 8.83 25.20 -18.85
CA ILE A 283 9.50 24.28 -17.93
C ILE A 283 10.99 24.23 -18.23
N LEU A 284 11.36 24.15 -19.51
CA LEU A 284 12.77 24.12 -19.88
C LEU A 284 13.49 25.38 -19.41
N PHE A 285 12.83 26.53 -19.49
CA PHE A 285 13.44 27.77 -19.01
C PHE A 285 13.61 27.73 -17.49
N LEU A 286 12.59 27.27 -16.77
CA LEU A 286 12.67 27.19 -15.31
C LEU A 286 13.77 26.22 -14.88
N GLN A 287 13.88 25.07 -15.55
CA GLN A 287 14.85 24.07 -15.13
C GLN A 287 16.28 24.56 -15.33
N GLN A 288 16.56 25.17 -16.48
CA GLN A 288 17.90 25.69 -16.74
C GLN A 288 18.22 26.84 -15.79
N SER A 289 17.23 27.65 -15.45
CA SER A 289 17.45 28.73 -14.47
C SER A 289 17.79 28.15 -13.10
N ILE A 290 17.08 27.11 -12.68
CA ILE A 290 17.38 26.47 -11.41
C ILE A 290 18.77 25.85 -11.43
N PHE A 291 19.08 25.12 -12.50
CA PHE A 291 20.36 24.43 -12.61
C PHE A 291 21.52 25.42 -12.66
N ARG A 292 21.35 26.54 -13.38
CA ARG A 292 22.41 27.54 -13.47
C ARG A 292 22.71 28.14 -12.10
N PHE A 293 21.67 28.52 -11.36
CA PHE A 293 21.89 29.09 -10.04
C PHE A 293 22.61 28.12 -9.11
N LEU A 294 22.28 26.83 -9.20
CA LEU A 294 22.86 25.82 -8.33
C LEU A 294 24.15 25.23 -8.89
N ASN A 295 24.68 25.79 -9.99
CA ASN A 295 25.95 25.36 -10.57
C ASN A 295 25.89 23.92 -11.07
N ILE A 296 24.78 23.53 -11.67
CA ILE A 296 24.59 22.18 -12.21
C ILE A 296 24.62 22.28 -13.73
N PRO A 297 25.45 21.48 -14.43
CA PRO A 297 25.48 21.51 -15.88
C PRO A 297 24.22 20.89 -16.48
CA MET B 1 -22.39 -11.77 -23.14
C MET B 1 -21.52 -11.14 -24.23
N ASP B 2 -20.49 -10.42 -23.80
CA ASP B 2 -19.60 -9.71 -24.71
C ASP B 2 -18.41 -10.60 -25.09
N VAL B 3 -18.00 -10.54 -26.35
CA VAL B 3 -16.94 -11.38 -26.87
C VAL B 3 -15.59 -10.83 -26.41
N VAL B 4 -14.67 -11.73 -26.05
CA VAL B 4 -13.38 -11.38 -25.50
C VAL B 4 -12.30 -12.18 -26.21
N SER B 5 -11.04 -11.94 -25.79
CA SER B 5 -9.90 -12.71 -26.28
C SER B 5 -8.78 -12.54 -25.25
N LEU B 6 -8.56 -13.58 -24.45
CA LEU B 6 -7.61 -13.53 -23.35
C LEU B 6 -6.57 -14.63 -23.47
N ASP B 7 -5.47 -14.47 -22.74
CA ASP B 7 -4.46 -15.50 -22.59
C ASP B 7 -4.41 -16.11 -21.20
N LYS B 8 -4.91 -15.41 -20.19
CA LYS B 8 -4.94 -15.90 -18.83
C LYS B 8 -5.99 -15.10 -18.07
N PRO B 9 -6.61 -15.67 -17.04
CA PRO B 9 -7.60 -14.93 -16.26
C PRO B 9 -6.93 -14.14 -15.15
N PHE B 10 -7.72 -13.30 -14.50
CA PHE B 10 -7.27 -12.55 -13.32
C PHE B 10 -7.29 -13.49 -12.13
N MET B 11 -6.10 -13.90 -11.68
CA MET B 11 -5.99 -14.84 -10.57
C MET B 11 -5.94 -14.16 -9.21
N TYR B 12 -5.35 -12.97 -9.14
CA TYR B 12 -5.21 -12.24 -7.88
C TYR B 12 -5.67 -10.81 -8.07
N PHE B 13 -5.92 -10.13 -6.95
CA PHE B 13 -6.52 -8.80 -7.00
C PHE B 13 -5.63 -7.79 -7.70
N GLU B 14 -4.31 -7.93 -7.59
CA GLU B 14 -3.41 -6.94 -8.16
C GLU B 14 -3.48 -6.91 -9.69
N GLU B 15 -3.85 -8.04 -10.32
CA GLU B 15 -3.83 -8.11 -11.77
C GLU B 15 -4.94 -7.29 -12.42
N ILE B 16 -5.97 -6.92 -11.67
CA ILE B 16 -7.06 -6.10 -12.22
C ILE B 16 -6.47 -4.77 -12.66
N ASP B 17 -6.62 -4.46 -13.95
CA ASP B 17 -5.91 -3.34 -14.57
C ASP B 17 -6.83 -2.20 -14.98
N ASN B 18 -7.96 -2.04 -14.30
CA ASN B 18 -8.91 -0.98 -14.60
C ASN B 18 -9.90 -0.87 -13.46
N GLU B 19 -10.43 0.34 -13.27
CA GLU B 19 -11.43 0.60 -12.24
C GLU B 19 -12.75 0.99 -12.89
N LEU B 20 -13.73 1.28 -12.04
CA LEU B 20 -15.08 1.65 -12.46
C LEU B 20 -15.86 2.08 -11.24
N ASP B 21 -16.69 3.12 -11.39
CA ASP B 21 -17.50 3.61 -10.28
C ASP B 21 -18.71 2.71 -10.05
N TYR B 22 -19.16 2.68 -8.80
CA TYR B 22 -20.19 1.75 -8.36
C TYR B 22 -21.56 2.16 -8.87
N GLU B 23 -22.52 1.24 -8.72
CA GLU B 23 -23.93 1.44 -9.07
C GLU B 23 -24.76 0.33 -8.42
N PRO B 24 -26.02 0.58 -8.09
CA PRO B 24 -26.82 -0.45 -7.42
C PRO B 24 -27.02 -1.68 -8.29
N GLU B 25 -27.31 -2.81 -7.65
CA GLU B 25 -27.51 -4.07 -8.34
C GLU B 25 -28.30 -5.06 -7.49
N LYS B 33 -27.60 -17.43 -11.76
CA LYS B 33 -26.93 -17.97 -10.58
C LYS B 33 -27.16 -19.47 -10.46
N LEU B 34 -26.09 -20.23 -10.71
CA LEU B 34 -26.10 -21.70 -10.66
C LEU B 34 -26.62 -22.20 -9.31
N PRO B 35 -27.17 -23.41 -9.27
CA PRO B 35 -27.55 -23.98 -7.97
C PRO B 35 -26.33 -24.28 -7.12
N TYR B 36 -26.44 -24.03 -5.82
CA TYR B 36 -25.37 -24.30 -4.85
C TYR B 36 -24.08 -23.59 -5.21
N GLN B 37 -24.18 -22.38 -5.77
CA GLN B 37 -22.99 -21.67 -6.23
C GLN B 37 -22.05 -21.33 -5.08
N GLY B 38 -22.62 -21.05 -3.90
CA GLY B 38 -21.79 -20.73 -2.74
C GLY B 38 -20.88 -21.87 -2.35
N GLN B 39 -21.39 -23.11 -2.38
CA GLN B 39 -20.54 -24.26 -2.09
C GLN B 39 -19.54 -24.50 -3.22
N LEU B 40 -19.95 -24.24 -4.47
CA LEU B 40 -19.00 -24.31 -5.57
C LEU B 40 -17.90 -23.28 -5.43
N LYS B 41 -18.26 -22.06 -5.03
CA LYS B 41 -17.25 -21.01 -4.82
C LYS B 41 -16.23 -21.43 -3.78
N LEU B 42 -16.70 -21.94 -2.64
CA LEU B 42 -15.80 -22.37 -1.56
C LEU B 42 -14.97 -23.57 -1.98
N LEU B 43 -15.59 -24.56 -2.62
CA LEU B 43 -14.87 -25.77 -3.03
C LEU B 43 -13.69 -25.43 -3.93
N LEU B 44 -13.95 -24.66 -4.99
CA LEU B 44 -12.89 -24.31 -5.94
C LEU B 44 -11.76 -23.55 -5.24
N GLY B 45 -12.12 -22.53 -4.46
CA GLY B 45 -11.10 -21.73 -3.81
C GLY B 45 -10.27 -22.50 -2.80
N GLU B 46 -10.90 -23.44 -2.10
CA GLU B 46 -10.18 -24.23 -1.11
C GLU B 46 -9.38 -25.35 -1.77
N LEU B 47 -9.92 -25.95 -2.84
CA LEU B 47 -9.15 -26.95 -3.58
C LEU B 47 -7.93 -26.32 -4.23
N PHE B 48 -8.05 -25.06 -4.66
CA PHE B 48 -6.90 -24.35 -5.22
C PHE B 48 -5.86 -24.06 -4.15
N PHE B 49 -6.31 -23.65 -2.96
CA PHE B 49 -5.40 -23.31 -1.88
C PHE B 49 -4.68 -24.54 -1.37
N LEU B 50 -5.42 -25.62 -1.09
CA LEU B 50 -4.82 -26.82 -0.53
C LEU B 50 -3.90 -27.51 -1.54
N SER B 51 -4.25 -27.46 -2.83
CA SER B 51 -3.38 -28.06 -3.84
C SER B 51 -2.05 -27.32 -3.93
N LYS B 52 -2.08 -25.98 -3.84
CA LYS B 52 -0.86 -25.20 -3.74
C LYS B 52 0.00 -25.68 -2.58
N LEU B 53 -0.63 -25.95 -1.43
CA LEU B 53 0.11 -26.45 -0.28
C LEU B 53 0.67 -27.84 -0.54
N GLN B 54 -0.07 -28.66 -1.29
CA GLN B 54 0.43 -29.98 -1.65
C GLN B 54 1.70 -29.87 -2.49
N ARG B 55 1.73 -28.93 -3.44
CA ARG B 55 2.92 -28.76 -4.27
C ARG B 55 4.12 -28.36 -3.44
N HIS B 56 3.92 -27.50 -2.44
CA HIS B 56 5.01 -27.10 -1.57
C HIS B 56 5.29 -28.11 -0.46
N GLY B 57 4.58 -29.24 -0.45
CA GLY B 57 4.92 -30.34 0.43
C GLY B 57 4.68 -30.09 1.90
N ILE B 58 3.74 -29.21 2.24
CA ILE B 58 3.40 -28.92 3.62
C ILE B 58 1.97 -29.32 3.96
N LEU B 59 1.30 -30.05 3.07
CA LEU B 59 -0.08 -30.48 3.31
C LEU B 59 -0.16 -31.81 4.05
N ASP B 60 0.65 -32.79 3.63
CA ASP B 60 0.54 -34.12 4.20
C ASP B 60 0.91 -34.13 5.67
N GLY B 61 0.06 -34.76 6.48
CA GLY B 61 0.29 -34.87 7.91
C GLY B 61 -0.23 -33.70 8.72
N ALA B 62 -0.87 -32.73 8.09
CA ALA B 62 -1.33 -31.53 8.79
C ALA B 62 -2.75 -31.71 9.30
N THR B 63 -3.13 -30.85 10.23
CA THR B 63 -4.50 -30.70 10.67
C THR B 63 -5.07 -29.44 10.06
N VAL B 64 -6.21 -29.55 9.40
CA VAL B 64 -6.93 -28.39 8.88
C VAL B 64 -7.89 -27.92 9.96
N VAL B 65 -7.64 -26.73 10.51
CA VAL B 65 -8.56 -26.09 11.43
C VAL B 65 -9.44 -25.14 10.62
N TYR B 66 -10.70 -25.50 10.44
CA TYR B 66 -11.66 -24.75 9.64
C TYR B 66 -12.67 -24.14 10.59
N ILE B 67 -12.58 -22.83 10.80
CA ILE B 67 -13.48 -22.10 11.70
C ILE B 67 -14.50 -21.36 10.86
N GLY B 68 -15.77 -21.52 11.18
CA GLY B 68 -16.84 -21.06 10.33
C GLY B 68 -17.17 -22.03 9.23
N SER B 69 -17.32 -23.31 9.57
CA SER B 69 -17.35 -24.37 8.57
C SER B 69 -18.74 -24.84 8.19
N ALA B 70 -19.74 -24.58 9.03
CA ALA B 70 -21.06 -25.14 8.75
C ALA B 70 -21.78 -24.33 7.67
N PRO B 71 -22.57 -24.99 6.81
CA PRO B 71 -22.88 -26.43 6.77
C PRO B 71 -21.73 -27.28 6.21
N GLY B 72 -20.88 -26.71 5.36
CA GLY B 72 -19.66 -27.39 4.92
C GLY B 72 -19.88 -28.57 4.00
N THR B 73 -20.92 -28.52 3.17
CA THR B 73 -21.19 -29.62 2.24
C THR B 73 -19.96 -29.92 1.37
N HIS B 74 -19.32 -28.88 0.85
CA HIS B 74 -18.20 -29.06 -0.06
C HIS B 74 -16.99 -29.70 0.61
N ILE B 75 -16.90 -29.63 1.94
CA ILE B 75 -15.73 -30.16 2.64
C ILE B 75 -15.65 -31.67 2.46
N ARG B 76 -16.80 -32.34 2.34
CA ARG B 76 -16.80 -33.78 2.08
C ARG B 76 -16.06 -34.11 0.79
N TYR B 77 -16.21 -33.26 -0.24
CA TYR B 77 -15.51 -33.50 -1.49
C TYR B 77 -14.01 -33.28 -1.34
N LEU B 78 -13.62 -32.23 -0.61
CA LEU B 78 -12.20 -31.97 -0.38
C LEU B 78 -11.56 -33.12 0.39
N ARG B 79 -12.22 -33.56 1.46
CA ARG B 79 -11.70 -34.66 2.26
C ARG B 79 -11.49 -35.90 1.40
N ASP B 80 -12.49 -36.27 0.60
CA ASP B 80 -12.35 -37.45 -0.24
C ASP B 80 -11.28 -37.26 -1.30
N HIS B 81 -11.15 -36.04 -1.85
CA HIS B 81 -10.19 -35.82 -2.92
C HIS B 81 -8.77 -36.12 -2.46
N PHE B 82 -8.36 -35.53 -1.34
CA PHE B 82 -7.00 -35.74 -0.87
C PHE B 82 -6.82 -37.10 -0.21
N TYR B 83 -7.86 -37.64 0.43
CA TYR B 83 -7.75 -38.96 1.02
C TYR B 83 -7.48 -40.02 -0.05
N ASN B 84 -8.22 -39.95 -1.17
CA ASN B 84 -8.04 -40.92 -2.24
C ASN B 84 -6.67 -40.79 -2.90
N LEU B 85 -6.00 -39.65 -2.74
CA LEU B 85 -4.66 -39.46 -3.28
C LEU B 85 -3.57 -39.95 -2.34
N GLY B 86 -3.93 -40.43 -1.14
CA GLY B 86 -2.95 -40.86 -0.18
C GLY B 86 -2.36 -39.74 0.66
N VAL B 87 -3.00 -38.58 0.69
CA VAL B 87 -2.55 -37.47 1.52
C VAL B 87 -3.26 -37.55 2.87
N ILE B 88 -2.49 -37.46 3.95
CA ILE B 88 -3.02 -37.62 5.29
C ILE B 88 -3.36 -36.25 5.84
N ILE B 89 -4.65 -35.98 6.00
CA ILE B 89 -5.14 -34.74 6.59
C ILE B 89 -6.14 -35.07 7.69
N LYS B 90 -5.98 -34.44 8.85
CA LYS B 90 -7.00 -34.45 9.89
C LYS B 90 -7.78 -33.15 9.82
N TRP B 91 -9.11 -33.25 9.93
CA TRP B 91 -10.00 -32.11 9.79
C TRP B 91 -10.69 -31.80 11.11
N MET B 92 -10.64 -30.53 11.51
CA MET B 92 -11.32 -30.04 12.71
C MET B 92 -12.24 -28.90 12.28
N LEU B 93 -13.54 -29.17 12.25
CA LEU B 93 -14.53 -28.22 11.79
C LEU B 93 -15.26 -27.62 12.99
N ILE B 94 -15.14 -26.31 13.16
CA ILE B 94 -15.62 -25.60 14.35
C ILE B 94 -16.63 -24.55 13.91
N ASP B 95 -17.83 -24.62 14.47
CA ASP B 95 -18.88 -23.66 14.14
C ASP B 95 -19.93 -23.68 15.24
N GLY B 96 -20.85 -22.70 15.18
CA GLY B 96 -21.92 -22.59 16.14
C GLY B 96 -23.20 -23.28 15.76
N ARG B 97 -23.34 -23.69 14.51
CA ARG B 97 -24.48 -24.45 14.04
C ARG B 97 -24.00 -25.81 13.51
N HIS B 98 -24.94 -26.71 13.30
CA HIS B 98 -24.57 -28.07 12.92
C HIS B 98 -24.13 -28.12 11.47
N HIS B 99 -23.46 -29.21 11.11
CA HIS B 99 -22.92 -29.41 9.78
C HIS B 99 -23.82 -30.33 8.95
N ASP B 100 -23.51 -30.38 7.66
CA ASP B 100 -24.21 -31.28 6.73
C ASP B 100 -24.01 -32.73 7.16
N PRO B 101 -25.07 -33.55 7.19
CA PRO B 101 -24.91 -34.95 7.61
C PRO B 101 -23.90 -35.75 6.80
N ILE B 102 -23.59 -35.29 5.58
CA ILE B 102 -22.64 -36.00 4.75
C ILE B 102 -21.23 -35.96 5.34
N LEU B 103 -20.99 -35.10 6.33
CA LEU B 103 -19.73 -35.08 7.05
C LEU B 103 -19.71 -36.03 8.25
N ASN B 104 -20.85 -36.64 8.58
CA ASN B 104 -20.94 -37.57 9.69
C ASN B 104 -20.35 -38.92 9.31
N GLY B 105 -19.84 -39.64 10.33
CA GLY B 105 -19.31 -40.97 10.12
C GLY B 105 -17.91 -41.03 9.56
N LEU B 106 -17.18 -39.93 9.58
CA LEU B 106 -15.80 -39.87 9.11
C LEU B 106 -14.88 -39.68 10.30
N ARG B 107 -14.02 -40.67 10.56
CA ARG B 107 -13.20 -40.67 11.77
C ARG B 107 -12.10 -39.62 11.72
N ASP B 108 -11.68 -39.19 10.53
CA ASP B 108 -10.67 -38.15 10.40
C ASP B 108 -11.28 -36.74 10.38
N VAL B 109 -12.58 -36.62 10.60
CA VAL B 109 -13.28 -35.34 10.61
C VAL B 109 -13.96 -35.19 11.96
N THR B 110 -13.56 -34.17 12.72
CA THR B 110 -14.12 -33.88 14.04
C THR B 110 -14.98 -32.63 13.94
N LEU B 111 -16.24 -32.75 14.35
CA LEU B 111 -17.21 -31.66 14.29
C LEU B 111 -17.34 -31.04 15.68
N VAL B 112 -17.06 -29.74 15.78
CA VAL B 112 -17.03 -29.04 17.06
C VAL B 112 -18.09 -27.95 17.06
N THR B 113 -18.89 -27.91 18.10
CA THR B 113 -19.86 -26.85 18.33
C THR B 113 -19.30 -25.91 19.41
N ARG B 114 -18.94 -24.70 19.02
CA ARG B 114 -18.26 -23.78 19.92
C ARG B 114 -18.30 -22.38 19.35
N PHE B 115 -18.48 -21.38 20.21
CA PHE B 115 -18.26 -19.98 19.87
C PHE B 115 -16.81 -19.66 20.16
N VAL B 116 -16.03 -19.37 19.11
CA VAL B 116 -14.58 -19.28 19.22
C VAL B 116 -14.19 -17.93 19.81
N ASP B 117 -13.31 -17.96 20.81
CA ASP B 117 -12.69 -16.76 21.35
C ASP B 117 -11.19 -17.04 21.51
N GLU B 118 -10.47 -16.05 22.06
CA GLU B 118 -9.02 -16.20 22.21
C GLU B 118 -8.68 -17.39 23.09
N GLU B 119 -9.36 -17.53 24.22
CA GLU B 119 -9.03 -18.60 25.16
C GLU B 119 -9.28 -19.97 24.55
N TYR B 120 -10.31 -20.12 23.73
CA TYR B 120 -10.54 -21.40 23.07
C TYR B 120 -9.44 -21.72 22.07
N LEU B 121 -8.92 -20.69 21.38
CA LEU B 121 -7.83 -20.91 20.44
C LEU B 121 -6.59 -21.42 21.15
N ARG B 122 -6.29 -20.88 22.33
CA ARG B 122 -5.11 -21.32 23.07
C ARG B 122 -5.22 -22.79 23.46
N SER B 123 -6.41 -23.23 23.89
CA SER B 123 -6.55 -24.61 24.34
C SER B 123 -6.44 -25.59 23.18
N ILE B 124 -7.01 -25.27 22.03
CA ILE B 124 -6.92 -26.21 20.89
C ILE B 124 -5.51 -26.19 20.32
N LYS B 125 -4.78 -25.08 20.46
CA LYS B 125 -3.36 -25.09 20.10
C LYS B 125 -2.60 -26.09 20.95
N LYS B 126 -2.91 -26.13 22.25
CA LYS B 126 -2.24 -27.06 23.15
C LYS B 126 -2.57 -28.51 22.80
N GLN B 127 -3.84 -28.78 22.48
CA GLN B 127 -4.26 -30.15 22.23
C GLN B 127 -3.87 -30.65 20.84
N LEU B 128 -3.67 -29.75 19.88
CA LEU B 128 -3.25 -30.17 18.54
C LEU B 128 -1.74 -30.37 18.44
N HIS B 129 -0.98 -29.82 19.37
CA HIS B 129 0.47 -30.01 19.36
C HIS B 129 0.80 -31.50 19.41
N PRO B 130 1.81 -31.96 18.66
CA PRO B 130 2.75 -31.21 17.80
C PRO B 130 2.37 -31.17 16.32
N SER B 131 1.09 -31.36 15.97
CA SER B 131 0.70 -31.37 14.57
C SER B 131 0.88 -29.98 13.95
N LYS B 132 1.23 -29.97 12.67
CA LYS B 132 1.20 -28.72 11.92
C LYS B 132 -0.25 -28.34 11.63
N ILE B 133 -0.53 -27.04 11.64
CA ILE B 133 -1.89 -26.53 11.54
C ILE B 133 -2.02 -25.74 10.24
N ILE B 134 -3.10 -26.00 9.51
CA ILE B 134 -3.50 -25.20 8.35
C ILE B 134 -4.84 -24.56 8.69
N LEU B 135 -4.89 -23.24 8.64
CA LEU B 135 -6.06 -22.47 9.05
C LEU B 135 -6.89 -22.10 7.83
N ILE B 136 -8.20 -22.29 7.93
CA ILE B 136 -9.18 -21.80 6.97
C ILE B 136 -10.30 -21.14 7.77
N SER B 137 -10.60 -19.88 7.45
CA SER B 137 -11.58 -19.10 8.19
C SER B 137 -12.63 -18.56 7.24
N ASP B 138 -13.90 -18.86 7.52
CA ASP B 138 -15.03 -18.31 6.78
C ASP B 138 -16.07 -17.74 7.73
N VAL B 139 -15.63 -17.19 8.86
CA VAL B 139 -16.58 -16.75 9.88
C VAL B 139 -17.30 -15.50 9.42
N ARG B 140 -18.58 -15.40 9.80
CA ARG B 140 -19.45 -14.28 9.47
C ARG B 140 -20.72 -14.41 10.30
N SER B 141 -21.24 -13.27 10.73
CA SER B 141 -22.48 -13.24 11.52
C SER B 141 -23.62 -12.74 10.66
N LYS B 142 -24.80 -13.31 10.86
CA LYS B 142 -25.96 -12.89 10.10
C LYS B 142 -26.40 -11.48 10.54
N PRO B 148 -23.86 -6.77 5.99
CA PRO B 148 -23.11 -6.85 7.24
C PRO B 148 -22.55 -5.49 7.63
N SER B 149 -22.71 -5.11 8.88
CA SER B 149 -22.17 -3.83 9.34
C SER B 149 -20.66 -3.88 9.34
N THR B 150 -20.03 -2.74 8.99
CA THR B 150 -18.58 -2.64 9.04
C THR B 150 -18.03 -3.09 10.38
N ALA B 151 -18.73 -2.76 11.48
CA ALA B 151 -18.30 -3.17 12.81
C ALA B 151 -18.26 -4.69 12.94
N ASP B 152 -19.23 -5.39 12.35
CA ASP B 152 -19.19 -6.85 12.35
C ASP B 152 -17.93 -7.35 11.64
N LEU B 153 -17.60 -6.76 10.49
CA LEU B 153 -16.41 -7.17 9.74
C LEU B 153 -15.15 -6.95 10.55
N LEU B 154 -14.96 -5.73 11.07
CA LEU B 154 -13.78 -5.44 11.89
C LEU B 154 -13.66 -6.41 13.05
N SER B 155 -14.79 -6.79 13.65
CA SER B 155 -14.77 -7.79 14.72
C SER B 155 -14.25 -9.13 14.20
N ASN B 156 -14.71 -9.55 13.01
CA ASN B 156 -14.26 -10.82 12.47
C ASN B 156 -12.80 -10.76 12.03
N TYR B 157 -12.38 -9.63 11.45
CA TYR B 157 -11.00 -9.51 11.03
C TYR B 157 -10.05 -9.44 12.22
N ALA B 158 -10.49 -8.85 13.33
CA ALA B 158 -9.71 -8.91 14.55
C ALA B 158 -9.55 -10.36 15.03
N LEU B 159 -10.62 -11.14 14.96
CA LEU B 159 -10.55 -12.53 15.40
C LEU B 159 -9.64 -13.35 14.48
N GLN B 160 -9.77 -13.16 13.17
CA GLN B 160 -8.93 -13.93 12.25
C GLN B 160 -7.45 -13.66 12.50
N ASN B 161 -7.11 -12.43 12.90
CA ASN B 161 -5.72 -12.11 13.20
C ASN B 161 -5.21 -12.92 14.40
N VAL B 162 -6.01 -13.04 15.45
CA VAL B 162 -5.55 -13.78 16.62
C VAL B 162 -5.57 -15.28 16.36
N MET B 163 -6.40 -15.76 15.43
CA MET B 163 -6.30 -17.15 15.00
C MET B 163 -4.88 -17.47 14.55
N ILE B 164 -4.31 -16.58 13.73
CA ILE B 164 -2.97 -16.83 13.18
C ILE B 164 -1.91 -16.69 14.25
N SER B 165 -1.97 -15.61 15.03
CA SER B 165 -0.92 -15.38 16.03
C SER B 165 -0.94 -16.42 17.14
N ILE B 166 -2.10 -17.01 17.43
CA ILE B 166 -2.18 -18.03 18.48
C ILE B 166 -1.90 -19.42 17.95
N LEU B 167 -2.55 -19.80 16.84
CA LEU B 167 -2.39 -21.16 16.32
C LEU B 167 -1.05 -21.39 15.65
N ASN B 168 -0.38 -20.35 15.19
CA ASN B 168 0.90 -20.45 14.49
C ASN B 168 0.82 -21.44 13.32
N PRO B 169 -0.06 -21.21 12.35
CA PRO B 169 -0.22 -22.17 11.25
C PRO B 169 0.89 -22.02 10.22
N VAL B 170 1.09 -23.10 9.46
CA VAL B 170 2.04 -23.05 8.36
C VAL B 170 1.45 -22.31 7.16
N ALA B 171 0.13 -22.21 7.08
CA ALA B 171 -0.54 -21.47 6.03
C ALA B 171 -1.94 -21.13 6.51
N SER B 172 -2.58 -20.20 5.80
CA SER B 172 -3.94 -19.80 6.16
C SER B 172 -4.67 -19.28 4.94
N SER B 173 -5.98 -19.48 4.94
CA SER B 173 -6.89 -18.88 3.97
C SER B 173 -7.95 -18.10 4.74
N LEU B 174 -8.02 -16.80 4.48
CA LEU B 174 -8.91 -15.91 5.23
C LEU B 174 -9.94 -15.30 4.31
N LYS B 175 -11.20 -15.32 4.76
CA LYS B 175 -12.25 -14.50 4.17
C LYS B 175 -11.82 -13.04 4.21
N TRP B 176 -11.92 -12.35 3.09
CA TRP B 176 -11.47 -10.96 2.99
C TRP B 176 -12.40 -10.17 2.09
N ARG B 177 -13.10 -9.19 2.67
CA ARG B 177 -13.95 -8.28 1.93
C ARG B 177 -13.83 -6.92 2.61
N CYS B 178 -13.28 -5.94 1.91
CA CYS B 178 -13.05 -4.64 2.49
C CYS B 178 -14.38 -3.95 2.78
N PRO B 179 -14.51 -3.29 3.94
CA PRO B 179 -15.68 -2.44 4.16
C PRO B 179 -15.75 -1.34 3.11
N PHE B 180 -16.97 -0.99 2.73
CA PHE B 180 -17.14 0.03 1.71
C PHE B 180 -16.83 1.41 2.29
N PRO B 181 -16.26 2.30 1.48
CA PRO B 181 -15.88 3.63 2.02
C PRO B 181 -17.05 4.45 2.52
N ASP B 182 -18.25 4.28 1.94
CA ASP B 182 -19.42 4.95 2.48
C ASP B 182 -19.86 4.36 3.82
N GLN B 183 -19.21 3.29 4.28
CA GLN B 183 -19.44 2.74 5.61
C GLN B 183 -18.15 2.67 6.43
N TRP B 184 -17.14 3.47 6.08
CA TRP B 184 -15.86 3.39 6.75
C TRP B 184 -15.96 3.81 8.20
N ILE B 185 -15.05 3.29 9.02
CA ILE B 185 -15.06 3.58 10.46
C ILE B 185 -13.66 3.96 10.92
N LYS B 186 -12.68 3.08 10.71
CA LYS B 186 -11.31 3.36 11.08
C LYS B 186 -10.38 2.35 10.41
N ASP B 187 -9.10 2.72 10.32
CA ASP B 187 -8.10 1.83 9.74
C ASP B 187 -7.96 0.57 10.58
N PHE B 188 -7.61 -0.53 9.91
CA PHE B 188 -7.39 -1.80 10.58
C PHE B 188 -6.30 -2.57 9.85
N TYR B 189 -5.82 -3.63 10.48
CA TYR B 189 -4.68 -4.38 9.99
C TYR B 189 -5.08 -5.81 9.63
N ILE B 190 -4.59 -6.28 8.50
CA ILE B 190 -4.83 -7.66 8.06
C ILE B 190 -3.48 -8.29 7.73
N PRO B 191 -3.40 -9.62 7.76
CA PRO B 191 -2.12 -10.28 7.47
C PRO B 191 -1.70 -10.06 6.03
N HIS B 192 -0.38 -10.06 5.81
CA HIS B 192 0.15 -10.06 4.46
C HIS B 192 -0.17 -11.39 3.79
N GLY B 193 -0.56 -11.34 2.52
CA GLY B 193 -0.90 -12.55 1.80
C GLY B 193 -1.33 -12.23 0.39
N ASN B 194 -1.62 -13.30 -0.35
CA ASN B 194 -2.07 -13.18 -1.74
C ASN B 194 -3.60 -13.13 -1.78
N LYS B 195 -4.14 -12.15 -2.48
CA LYS B 195 -5.58 -11.92 -2.53
C LYS B 195 -6.15 -12.68 -3.73
N MET B 196 -6.56 -13.93 -3.48
CA MET B 196 -7.06 -14.79 -4.54
C MET B 196 -8.50 -14.39 -4.90
N LEU B 197 -8.74 -14.17 -6.18
CA LEU B 197 -10.08 -13.93 -6.68
C LEU B 197 -10.83 -15.25 -6.86
N GLN B 198 -12.14 -15.22 -6.61
CA GLN B 198 -12.93 -16.44 -6.59
C GLN B 198 -13.91 -16.46 -7.76
N PRO B 199 -13.80 -17.41 -8.68
CA PRO B 199 -14.87 -17.61 -9.66
C PRO B 199 -16.15 -18.08 -8.96
N PHE B 200 -17.27 -17.84 -9.63
CA PHE B 200 -18.60 -18.20 -9.15
C PHE B 200 -18.92 -17.58 -7.79
N ALA B 201 -18.25 -16.48 -7.46
CA ALA B 201 -18.71 -15.62 -6.39
C ALA B 201 -19.98 -14.90 -6.84
N PRO B 202 -20.74 -14.32 -5.91
CA PRO B 202 -21.93 -13.54 -6.31
C PRO B 202 -21.59 -12.48 -7.34
N SER B 203 -22.59 -12.06 -8.12
CA SER B 203 -22.33 -11.29 -9.33
C SER B 203 -21.57 -10.01 -9.05
N TYR B 204 -21.82 -9.38 -7.91
CA TYR B 204 -21.17 -8.12 -7.56
C TYR B 204 -20.63 -8.17 -6.14
N SER B 205 -20.04 -9.30 -5.77
CA SER B 205 -19.40 -9.44 -4.47
C SER B 205 -17.94 -8.97 -4.55
N ALA B 206 -17.54 -8.19 -3.56
CA ALA B 206 -16.16 -7.73 -3.44
C ALA B 206 -15.32 -8.65 -2.56
N GLU B 207 -15.81 -9.84 -2.26
CA GLU B 207 -15.10 -10.77 -1.38
C GLU B 207 -14.05 -11.54 -2.15
N MET B 208 -12.83 -11.59 -1.60
CA MET B 208 -11.77 -12.44 -2.09
C MET B 208 -11.20 -13.24 -0.93
N ARG B 209 -10.30 -14.17 -1.23
CA ARG B 209 -9.69 -15.03 -0.23
C ARG B 209 -8.22 -14.64 -0.05
N LEU B 210 -7.82 -14.42 1.20
CA LEU B 210 -6.46 -14.01 1.53
C LEU B 210 -5.65 -15.25 1.88
N LEU B 211 -4.68 -15.59 1.03
CA LEU B 211 -3.90 -16.80 1.17
C LEU B 211 -2.48 -16.45 1.59
N SER B 212 -2.02 -17.07 2.68
CA SER B 212 -0.69 -16.80 3.23
C SER B 212 0.04 -18.10 3.51
N ILE B 213 1.35 -18.09 3.30
CA ILE B 213 2.21 -19.20 3.67
C ILE B 213 3.34 -18.64 4.54
N TYR B 214 3.51 -19.23 5.72
CA TYR B 214 4.41 -18.70 6.74
C TYR B 214 5.61 -19.60 6.91
N THR B 215 6.78 -18.99 7.12
CA THR B 215 8.00 -19.68 7.50
C THR B 215 8.80 -18.79 8.44
N GLY B 216 9.50 -19.40 9.39
CA GLY B 216 10.22 -18.63 10.38
C GLY B 216 9.35 -17.78 11.27
N GLU B 217 8.07 -18.12 11.39
CA GLU B 217 7.11 -17.35 12.19
C GLU B 217 7.06 -15.89 11.76
N ASN B 218 7.23 -15.66 10.46
CA ASN B 218 7.18 -14.30 9.91
C ASN B 218 5.73 -14.00 9.51
N MET B 219 5.00 -13.37 10.41
CA MET B 219 3.66 -12.86 10.13
C MET B 219 3.74 -11.34 10.08
N ARG B 220 3.17 -10.76 9.02
CA ARG B 220 3.29 -9.33 8.74
C ARG B 220 1.89 -8.75 8.61
N LEU B 221 1.56 -7.78 9.45
CA LEU B 221 0.30 -7.07 9.35
C LEU B 221 0.43 -5.90 8.38
N THR B 222 -0.66 -5.63 7.66
CA THR B 222 -0.69 -4.55 6.69
C THR B 222 -1.90 -3.66 6.95
N ARG B 223 -1.69 -2.35 6.90
CA ARG B 223 -2.77 -1.41 7.17
C ARG B 223 -3.77 -1.38 6.02
N VAL B 224 -5.05 -1.29 6.36
CA VAL B 224 -6.13 -1.07 5.41
C VAL B 224 -6.66 0.33 5.64
N THR B 225 -6.66 1.16 4.60
CA THR B 225 -7.05 2.56 4.70
C THR B 225 -8.35 2.80 3.94
N LYS B 226 -8.94 3.98 4.16
CA LYS B 226 -10.15 4.36 3.45
C LYS B 226 -9.89 4.48 1.94
N SER B 227 -8.70 4.97 1.56
CA SER B 227 -8.36 5.03 0.14
C SER B 227 -8.26 3.63 -0.46
N ASP B 228 -7.76 2.66 0.31
CA ASP B 228 -7.77 1.27 -0.15
C ASP B 228 -9.21 0.79 -0.37
N ALA B 229 -10.12 1.16 0.52
CA ALA B 229 -11.51 0.72 0.39
C ALA B 229 -12.13 1.24 -0.90
N VAL B 230 -11.77 2.46 -1.31
CA VAL B 230 -12.25 2.98 -2.59
C VAL B 230 -11.63 2.19 -3.73
N ASN B 231 -10.32 1.93 -3.66
CA ASN B 231 -9.65 1.21 -4.72
C ASN B 231 -10.13 -0.23 -4.84
N TYR B 232 -10.54 -0.84 -3.72
CA TYR B 232 -11.18 -2.14 -3.78
C TYR B 232 -12.52 -2.06 -4.48
N GLU B 233 -13.38 -1.14 -4.03
CA GLU B 233 -14.72 -1.00 -4.59
C GLU B 233 -14.69 -0.72 -6.09
N LYS B 234 -13.68 0.01 -6.56
CA LYS B 234 -13.61 0.35 -7.98
C LYS B 234 -13.07 -0.82 -8.80
N LYS B 235 -11.97 -1.44 -8.36
CA LYS B 235 -11.40 -2.56 -9.10
C LYS B 235 -12.36 -3.75 -9.13
N MET B 236 -13.02 -4.03 -8.00
CA MET B 236 -13.95 -5.15 -7.96
C MET B 236 -15.18 -4.90 -8.82
N TYR B 237 -15.63 -3.64 -8.91
CA TYR B 237 -16.79 -3.34 -9.74
C TYR B 237 -16.46 -3.49 -11.22
N TYR B 238 -15.23 -3.12 -11.61
CA TYR B 238 -14.81 -3.35 -12.98
C TYR B 238 -14.71 -4.84 -13.29
N LEU B 239 -14.23 -5.63 -12.32
CA LEU B 239 -14.18 -7.07 -12.49
C LEU B 239 -15.58 -7.67 -12.56
N ASN B 240 -16.50 -7.17 -11.72
CA ASN B 240 -17.83 -7.75 -11.64
C ASN B 240 -18.73 -7.32 -12.80
N LYS B 241 -18.57 -6.10 -13.30
CA LYS B 241 -19.42 -5.62 -14.38
C LYS B 241 -18.85 -5.88 -15.76
N ILE B 242 -17.52 -5.80 -15.92
CA ILE B 242 -16.87 -5.89 -17.22
C ILE B 242 -16.20 -7.25 -17.43
N VAL B 243 -15.21 -7.58 -16.60
CA VAL B 243 -14.36 -8.75 -16.87
C VAL B 243 -15.15 -10.04 -16.83
N ARG B 244 -16.02 -10.20 -15.82
CA ARG B 244 -16.70 -11.47 -15.62
C ARG B 244 -17.85 -11.70 -16.60
N ASN B 245 -18.40 -10.64 -17.19
CA ASN B 245 -19.49 -10.77 -18.15
C ASN B 245 -19.00 -10.97 -19.57
N LYS B 246 -17.70 -11.20 -19.76
CA LYS B 246 -17.14 -11.44 -21.09
C LYS B 246 -17.18 -12.93 -21.41
N VAL B 247 -16.82 -13.26 -22.65
CA VAL B 247 -16.78 -14.64 -23.12
C VAL B 247 -15.50 -14.81 -23.93
N VAL B 248 -14.54 -15.55 -23.38
CA VAL B 248 -13.26 -15.78 -24.05
C VAL B 248 -13.46 -16.72 -25.23
N ILE B 249 -13.48 -16.17 -26.44
CA ILE B 249 -13.72 -16.99 -27.63
C ILE B 249 -12.49 -17.80 -28.03
N ASN B 250 -11.28 -17.41 -27.59
CA ASN B 250 -10.08 -18.16 -27.87
C ASN B 250 -9.80 -19.23 -26.81
N PHE B 251 -10.85 -19.76 -26.19
CA PHE B 251 -10.76 -20.71 -25.08
C PHE B 251 -11.45 -22.00 -25.50
N ASP B 252 -10.66 -23.07 -25.65
CA ASP B 252 -11.16 -24.35 -26.15
C ASP B 252 -11.84 -25.10 -25.01
N TYR B 253 -13.16 -24.93 -24.88
CA TYR B 253 -13.90 -25.55 -23.80
C TYR B 253 -15.40 -25.55 -24.11
N PRO B 254 -16.16 -26.51 -23.59
CA PRO B 254 -17.62 -26.51 -23.85
C PRO B 254 -18.32 -25.25 -23.36
N ASN B 255 -17.81 -24.58 -22.33
CA ASN B 255 -18.38 -23.32 -21.86
C ASN B 255 -17.27 -22.28 -21.78
N GLN B 256 -17.50 -21.12 -22.40
CA GLN B 256 -16.50 -20.09 -22.53
C GLN B 256 -16.80 -18.83 -21.72
N GLU B 257 -17.87 -18.82 -20.94
CA GLU B 257 -18.11 -17.71 -20.04
C GLU B 257 -16.94 -17.56 -19.07
N TYR B 258 -16.63 -16.33 -18.69
CA TYR B 258 -15.35 -16.04 -18.04
C TYR B 258 -15.17 -16.82 -16.74
N ASP B 259 -16.25 -17.12 -16.03
CA ASP B 259 -16.12 -17.85 -14.76
C ASP B 259 -15.54 -19.24 -15.00
N TYR B 260 -16.03 -19.94 -16.02
CA TYR B 260 -15.48 -21.26 -16.33
C TYR B 260 -14.03 -21.16 -16.80
N PHE B 261 -13.72 -20.10 -17.56
CA PHE B 261 -12.33 -19.82 -17.93
C PHE B 261 -11.49 -19.56 -16.69
N HIS B 262 -12.05 -18.84 -15.72
CA HIS B 262 -11.39 -18.69 -14.42
C HIS B 262 -11.21 -20.04 -13.74
N MET B 263 -12.30 -20.81 -13.65
CA MET B 263 -12.26 -22.11 -12.98
C MET B 263 -11.29 -23.06 -13.67
N TYR B 264 -11.34 -23.11 -15.01
CA TYR B 264 -10.45 -23.96 -15.79
C TYR B 264 -9.00 -23.79 -15.37
N PHE B 265 -8.56 -22.53 -15.22
CA PHE B 265 -7.17 -22.27 -14.86
C PHE B 265 -6.88 -22.60 -13.40
N MET B 266 -7.91 -22.58 -12.54
CA MET B 266 -7.69 -23.01 -11.16
C MET B 266 -7.59 -24.53 -11.07
N LEU B 267 -8.52 -25.24 -11.71
CA LEU B 267 -8.52 -26.70 -11.65
C LEU B 267 -7.29 -27.32 -12.28
N ARG B 268 -6.58 -26.59 -13.16
CA ARG B 268 -5.39 -27.14 -13.78
C ARG B 268 -4.27 -27.36 -12.78
N THR B 269 -4.33 -26.73 -11.60
CA THR B 269 -3.34 -26.91 -10.56
C THR B 269 -3.68 -28.05 -9.60
N VAL B 270 -4.69 -28.85 -9.93
CA VAL B 270 -5.21 -29.89 -9.04
C VAL B 270 -4.61 -31.23 -9.45
N TYR B 271 -4.06 -31.95 -8.47
CA TYR B 271 -3.54 -33.30 -8.73
C TYR B 271 -4.69 -34.27 -9.00
N CYS B 272 -4.38 -35.32 -9.76
CA CYS B 272 -5.35 -36.39 -10.00
C CYS B 272 -4.59 -37.67 -10.35
N ASN B 273 -5.02 -38.78 -9.76
CA ASN B 273 -4.35 -40.06 -10.00
C ASN B 273 -4.60 -40.58 -11.42
N LYS B 274 -5.74 -40.24 -12.02
CA LYS B 274 -6.08 -40.74 -13.34
C LYS B 274 -5.30 -39.98 -14.41
N THR B 275 -4.85 -40.70 -15.42
CA THR B 275 -4.19 -40.11 -16.57
C THR B 275 -5.23 -39.71 -17.62
N PHE B 276 -4.87 -38.73 -18.44
CA PHE B 276 -5.80 -38.18 -19.42
C PHE B 276 -5.07 -37.86 -20.71
N PRO B 277 -5.77 -37.92 -21.84
CA PRO B 277 -5.13 -37.58 -23.12
C PRO B 277 -4.69 -36.13 -23.20
N THR B 278 -5.65 -35.22 -23.02
CA THR B 278 -5.40 -33.79 -23.04
C THR B 278 -5.62 -33.20 -21.66
N THR B 279 -4.96 -32.06 -21.40
CA THR B 279 -5.22 -31.33 -20.16
C THR B 279 -6.66 -30.84 -20.11
N LYS B 280 -7.23 -30.45 -21.27
CA LYS B 280 -8.65 -30.12 -21.33
C LYS B 280 -9.51 -31.29 -20.84
N ALA B 281 -9.15 -32.52 -21.24
CA ALA B 281 -9.90 -33.69 -20.80
C ALA B 281 -9.87 -33.85 -19.28
N LYS B 282 -8.73 -33.58 -18.65
CA LYS B 282 -8.63 -33.68 -17.20
C LYS B 282 -9.53 -32.68 -16.50
N ILE B 283 -9.49 -31.41 -16.94
CA ILE B 283 -10.29 -30.37 -16.31
C ILE B 283 -11.78 -30.60 -16.54
N LEU B 284 -12.14 -31.19 -17.68
CA LEU B 284 -13.55 -31.48 -17.95
C LEU B 284 -14.07 -32.57 -17.03
N PHE B 285 -13.22 -33.56 -16.70
CA PHE B 285 -13.63 -34.60 -15.76
C PHE B 285 -13.73 -34.05 -14.34
N LEU B 286 -12.77 -33.21 -13.94
CA LEU B 286 -12.81 -32.60 -12.61
C LEU B 286 -14.04 -31.72 -12.44
N GLN B 287 -14.33 -30.88 -13.45
CA GLN B 287 -15.51 -30.02 -13.36
C GLN B 287 -16.80 -30.84 -13.31
N GLN B 288 -16.91 -31.86 -14.17
CA GLN B 288 -18.07 -32.74 -14.12
C GLN B 288 -18.19 -33.42 -12.77
N SER B 289 -17.06 -33.88 -12.23
CA SER B 289 -17.07 -34.51 -10.90
C SER B 289 -17.56 -33.53 -9.84
N ILE B 290 -17.03 -32.30 -9.84
CA ILE B 290 -17.39 -31.32 -8.83
C ILE B 290 -18.86 -30.94 -8.94
N PHE B 291 -19.36 -30.78 -10.16
CA PHE B 291 -20.77 -30.44 -10.35
C PHE B 291 -21.68 -31.60 -9.92
N ARG B 292 -21.30 -32.83 -10.27
CA ARG B 292 -22.12 -33.99 -9.94
C ARG B 292 -22.21 -34.20 -8.43
N PHE B 293 -21.14 -33.90 -7.70
CA PHE B 293 -21.20 -33.97 -6.24
C PHE B 293 -22.14 -32.92 -5.68
N LEU B 294 -22.08 -31.70 -6.21
CA LEU B 294 -22.87 -30.59 -5.70
C LEU B 294 -24.30 -30.56 -6.25
N ASN B 295 -24.68 -31.56 -7.05
CA ASN B 295 -26.03 -31.64 -7.63
C ASN B 295 -26.32 -30.40 -8.49
N ILE B 296 -25.35 -30.04 -9.33
CA ILE B 296 -25.48 -28.90 -10.23
C ILE B 296 -25.61 -29.43 -11.66
N PRO B 297 -26.83 -29.62 -12.17
CA PRO B 297 -27.02 -30.01 -13.57
C PRO B 297 -26.55 -28.94 -14.55
PA GTG C 1 19.86 6.77 4.76
O1A GTG C 1 20.78 7.66 4.06
O2A GTG C 1 18.72 6.44 3.92
O3A GTG C 1 19.40 7.51 6.08
PB GTG C 1 19.25 9.07 6.20
O1B GTG C 1 18.91 9.45 7.54
O2B GTG C 1 20.40 9.81 5.73
O3B GTG C 1 17.96 9.42 5.43
N9A GTG C 1 19.14 1.89 5.17
C8A GTG C 1 19.02 2.90 4.16
N7A GTG C 1 17.70 2.50 3.77
C7X GTG C 1 17.15 3.33 2.70
C5A GTG C 1 17.17 1.50 4.41
C6A GTG C 1 15.92 0.78 4.34
O6A GTG C 1 15.04 1.09 3.57
N1A GTG C 1 15.78 -0.21 5.18
C2A GTG C 1 16.74 -0.55 6.03
N2A GTG C 1 16.57 -1.57 6.86
N3A GTG C 1 17.91 0.06 6.12
C4A GTG C 1 18.16 1.08 5.36
O5D GTG C 1 20.61 5.47 5.12
C5D GTG C 1 21.14 5.21 6.39
C4D GTG C 1 21.60 3.77 6.45
O4D GTG C 1 20.47 2.98 6.71
C3D GTG C 1 22.16 3.33 5.14
O3D GTG C 1 23.58 3.24 5.20
C2D GTG C 1 21.55 1.98 4.89
O2D GTG C 1 22.42 0.88 5.11
C1D GTG C 1 20.41 1.88 5.88
PG GTG C 1 17.74 10.47 4.34
O1G GTG C 1 16.32 10.27 4.29
O2G GTG C 1 18.35 10.15 3.07
O5E GTG C 1 17.97 11.97 4.79
C5E GTG C 1 18.84 12.88 4.16
C4E GTG C 1 18.54 14.29 4.63
O4E GTG C 1 18.67 14.29 6.03
C3E GTG C 1 19.52 15.29 4.10
O3E GTG C 1 19.10 15.92 2.88
C2E GTG C 1 19.77 16.21 5.27
O2E GTG C 1 18.85 17.28 5.43
C1E GTG C 1 19.49 15.34 6.46
N9B GTG C 1 20.71 14.80 7.04
C8B GTG C 1 20.99 13.53 7.31
N7B GTG C 1 22.20 13.39 7.86
C5B GTG C 1 22.69 14.62 7.96
C6B GTG C 1 23.93 15.24 8.47
O6B GTG C 1 24.84 14.53 8.93
N1B GTG C 1 24.07 16.55 8.36
C2B GTG C 1 23.11 17.31 7.85
N2B GTG C 1 23.31 18.61 7.79
N3B GTG C 1 21.97 16.84 7.38
C4B GTG C 1 21.71 15.53 7.42
N SAH D . 17.30 22.77 4.78
CA SAH D . 18.78 22.97 4.86
CB SAH D . 19.48 21.66 5.23
CG SAH D . 19.09 21.15 6.59
SD SAH D . 20.08 19.77 7.23
C SAH D . 19.31 23.49 3.52
O SAH D . 18.47 23.99 2.74
OXT SAH D . 20.53 23.38 3.30
C5' SAH D . 19.37 19.60 8.90
C4' SAH D . 19.53 20.87 9.71
O4' SAH D . 18.71 20.81 10.90
C3' SAH D . 20.95 21.16 10.20
O3' SAH D . 21.41 22.36 9.57
C2' SAH D . 20.78 21.36 11.71
O2' SAH D . 21.63 22.32 12.29
C1' SAH D . 19.29 21.72 11.79
N9 SAH D . 18.69 21.57 13.11
C8 SAH D . 18.73 20.46 13.92
N7 SAH D . 18.10 20.63 15.06
C5 SAH D . 17.61 21.92 14.99
C6 SAH D . 16.86 22.69 15.90
N6 SAH D . 16.44 22.26 17.08
N1 SAH D . 16.54 23.96 15.53
C2 SAH D . 16.96 24.40 14.33
N3 SAH D . 17.67 23.77 13.41
C4 SAH D . 17.97 22.52 13.80
PA GTG E . -22.64 -7.81 -0.05
O1A GTG E . -23.25 -9.02 -0.66
O2A GTG E . -21.70 -6.99 -0.89
O3A GTG E . -21.88 -8.24 1.30
PB GTG E . -20.89 -9.46 1.60
O1B GTG E . -20.43 -9.37 3.02
O2B GTG E . -19.90 -9.56 0.49
O3B GTG E . -21.93 -10.69 1.47
N9A GTG E . -23.29 -3.30 -1.57
C8A GTG E . -22.65 -4.31 -2.28
N7A GTG E . -21.48 -3.80 -2.78
C7X GTG E . -20.53 -4.54 -3.59
C5A GTG E . -21.39 -2.47 -2.38
C6A GTG E . -20.41 -1.49 -2.62
O6A GTG E . -19.37 -1.61 -3.27
N1A GTG E . -20.72 -0.28 -2.02
C2A GTG E . -21.87 -0.05 -1.29
N2A GTG E . -22.01 1.18 -0.79
N3A GTG E . -22.80 -0.98 -1.06
C4A GTG E . -22.52 -2.18 -1.64
O5D GTG E . -23.79 -6.86 0.54
C5D GTG E . -23.42 -5.54 1.00
C4D GTG E . -24.64 -4.67 1.09
O4D GTG E . -24.32 -3.38 0.52
C3D GTG E . -25.82 -5.10 0.22
O3D GTG E . -26.97 -4.33 0.53
C2D GTG E . -25.28 -4.72 -1.16
O2D GTG E . -26.28 -4.61 -2.17
C1D GTG E . -24.56 -3.41 -0.87
PG GTG E . -23.22 -11.10 2.31
O1G GTG E . -24.21 -11.72 1.39
O2G GTG E . -23.66 -9.92 3.14
O5E GTG E . -22.62 -12.23 3.28
C5E GTG E . -22.43 -13.54 2.68
C4E GTG E . -21.78 -14.46 3.68
O4E GTG E . -22.57 -14.54 4.89
C3E GTG E . -21.66 -15.93 3.26
O3E GTG E . -20.64 -16.16 2.29
C2E GTG E . -21.35 -16.58 4.62
O2E GTG E . -20.01 -16.37 4.99
C1E GTG E . -22.27 -15.76 5.54
N9B GTG E . -23.52 -16.42 5.90
C8B GTG E . -24.45 -16.98 5.05
N7B GTG E . -25.47 -17.49 5.69
C5B GTG E . -25.20 -17.26 7.03
C6B GTG E . -25.95 -17.59 8.18
O6B GTG E . -27.04 -18.18 8.25
N1B GTG E . -25.30 -17.18 9.35
C2B GTG E . -24.10 -16.52 9.39
N2B GTG E . -23.63 -16.20 10.62
N3B GTG E . -23.38 -16.20 8.32
C4B GTG E . -24.00 -16.60 7.18
N SAH F . -17.67 -22.07 5.19
CA SAH F . -19.04 -22.56 5.53
CB SAH F . -20.05 -21.41 5.56
CG SAH F . -19.75 -20.40 6.65
SD SAH F . -20.99 -19.11 6.92
C SAH F . -19.47 -23.62 4.50
O SAH F . -18.56 -24.20 3.88
OXT SAH F . -20.69 -23.81 4.35
C5' SAH F . -20.28 -18.23 8.32
C4' SAH F . -20.21 -19.10 9.55
O4' SAH F . -19.38 -18.48 10.56
C3' SAH F . -21.55 -19.37 10.25
O3' SAH F . -21.91 -20.74 10.09
C2' SAH F . -21.28 -19.00 11.72
O2' SAH F . -21.93 -19.85 12.65
C1' SAH F . -19.76 -19.06 11.77
N9 SAH F . -19.18 -18.27 12.86
C8 SAH F . -19.17 -16.90 12.96
N7 SAH F . -18.56 -16.47 14.04
C5 SAH F . -18.13 -17.62 14.69
C6 SAH F . -17.42 -17.83 15.89
N6 SAH F . -17.00 -16.85 16.67
N1 SAH F . -17.15 -19.12 16.24
C2 SAH F . -17.58 -20.10 15.43
N3 SAH F . -18.25 -20.02 14.29
C4 SAH F . -18.50 -18.75 13.96
#